data_6F3B
#
_entry.id   6F3B
#
_cell.length_a   62.375
_cell.length_b   71.229
_cell.length_c   120.871
_cell.angle_alpha   90.00
_cell.angle_beta   90.00
_cell.angle_gamma   90.00
#
_symmetry.space_group_name_H-M   'P 21 21 21'
#
loop_
_entity.id
_entity.type
_entity.pdbx_description
1 polymer 'Carbonic anhydrase 1'
2 non-polymer 'ZINC ION'
3 non-polymer 1-[(4-methylphenyl)methyl]-3-(2-oxidanyl-5-sulfamoyl-phenyl)urea
4 non-polymer 'ACETATE ION'
5 non-polymer GLYCEROL
6 water water
#
_entity_poly.entity_id   1
_entity_poly.type   'polypeptide(L)'
_entity_poly.pdbx_seq_one_letter_code
;MASPDWGYDDKNGPEQWSKLYPIANGNNQSPVDIKTSETKHDTSLKPISVSYNPATAKEIINVGHSFHVNFEDNDNRSVL
KGGPFSDSYRLFQFHFHWGSTNEHGSEHTVDGVKYSAELHVAHWNSAKYSSLAEAASKADGLAVIGVLMKVGEANPKLQK
VLDALQAIKTKGKRAPFTNFDPSTLLPSSLDFWTYPGSLTHPPLYESVTWIICKESISVSSEQLAQFRSLLSNVEGDNAV
PMQHNNRPTQPLKGRTVRASF
;
_entity_poly.pdbx_strand_id   A,B
#
loop_
_chem_comp.id
_chem_comp.type
_chem_comp.name
_chem_comp.formula
ACT non-polymer 'ACETATE ION' 'C2 H3 O2 -1'
CJK non-polymer 1-[(4-methylphenyl)methyl]-3-(2-oxidanyl-5-sulfamoyl-phenyl)urea 'C15 H17 N3 O4 S'
GOL non-polymer GLYCEROL 'C3 H8 O3'
ZN non-polymer 'ZINC ION' 'Zn 2'
#
# COMPACT_ATOMS: atom_id res chain seq x y z
N ASP A 5 -20.35 10.83 30.06
CA ASP A 5 -19.78 11.22 28.73
C ASP A 5 -18.56 10.36 28.34
N TRP A 6 -17.51 10.97 27.77
CA TRP A 6 -16.40 10.21 27.18
C TRP A 6 -15.15 10.15 28.05
N GLY A 7 -14.37 9.09 27.86
CA GLY A 7 -13.10 8.90 28.56
C GLY A 7 -12.24 7.88 27.87
N TYR A 8 -11.43 7.20 28.67
CA TYR A 8 -10.54 6.17 28.16
C TYR A 8 -10.80 4.79 28.80
N ASP A 9 -11.79 4.68 29.69
CA ASP A 9 -12.05 3.38 30.33
C ASP A 9 -12.89 2.49 29.42
N ASP A 10 -13.23 1.29 29.89
CA ASP A 10 -13.95 0.27 29.10
C ASP A 10 -15.33 0.75 28.58
N LYS A 11 -16.11 1.39 29.45
CA LYS A 11 -17.47 1.82 29.13
C LYS A 11 -17.57 3.10 28.29
N ASN A 12 -16.64 4.04 28.51
CA ASN A 12 -16.68 5.33 27.81
C ASN A 12 -15.53 5.59 26.82
N GLY A 13 -14.70 4.57 26.58
CA GLY A 13 -13.44 4.72 25.88
C GLY A 13 -13.51 4.77 24.37
N PRO A 14 -12.34 4.80 23.70
CA PRO A 14 -12.22 4.91 22.24
C PRO A 14 -13.15 4.04 21.39
N GLU A 15 -13.41 2.80 21.82
CA GLU A 15 -14.29 1.90 21.05
C GLU A 15 -15.78 2.27 21.15
N GLN A 16 -16.12 3.07 22.15
CA GLN A 16 -17.49 3.56 22.41
C GLN A 16 -17.77 4.97 21.87
N TRP A 17 -16.70 5.71 21.50
CA TRP A 17 -16.85 7.12 21.08
C TRP A 17 -17.80 7.34 19.89
N SER A 18 -17.86 6.36 18.99
CA SER A 18 -18.68 6.51 17.77
C SER A 18 -20.17 6.66 18.05
N LYS A 19 -20.62 6.20 19.21
CA LYS A 19 -22.05 6.30 19.59
C LYS A 19 -22.56 7.75 19.71
N LEU A 20 -21.74 8.66 20.26
CA LEU A 20 -22.09 10.08 20.26
C LEU A 20 -21.34 10.91 19.23
N TYR A 21 -20.21 10.36 18.76
CA TYR A 21 -19.36 11.00 17.76
C TYR A 21 -19.13 10.08 16.55
N PRO A 22 -20.13 9.98 15.64
CA PRO A 22 -20.03 9.11 14.47
C PRO A 22 -18.81 9.37 13.59
N ILE A 23 -18.27 10.59 13.67
CA ILE A 23 -17.03 10.95 12.95
C ILE A 23 -15.85 10.04 13.36
N ALA A 24 -15.97 9.34 14.48
CA ALA A 24 -14.94 8.41 14.95
C ALA A 24 -14.62 7.34 13.92
N ASN A 25 -15.62 7.02 13.09
CA ASN A 25 -15.49 6.03 12.00
C ASN A 25 -15.26 6.71 10.65
N GLY A 26 -14.80 7.96 10.67
CA GLY A 26 -14.55 8.76 9.48
C GLY A 26 -13.36 8.35 8.65
N ASN A 27 -13.10 9.13 7.60
CA ASN A 27 -12.05 8.84 6.62
C ASN A 27 -10.74 9.58 6.87
N ASN A 28 -10.75 10.49 7.85
CA ASN A 28 -9.56 11.27 8.21
C ASN A 28 -9.29 11.21 9.71
N GLN A 29 -9.46 10.03 10.30
CA GLN A 29 -9.25 9.89 11.75
C GLN A 29 -7.77 9.72 12.17
N SER A 30 -7.46 10.19 13.38
CA SER A 30 -6.09 10.11 13.91
C SER A 30 -6.13 9.45 15.30
N PRO A 31 -5.06 8.81 15.78
CA PRO A 31 -3.76 8.73 15.12
C PRO A 31 -3.73 7.59 14.11
N VAL A 32 -2.59 7.43 13.45
CA VAL A 32 -2.41 6.38 12.44
C VAL A 32 -1.06 5.72 12.68
N ASP A 33 -0.92 4.52 12.12
CA ASP A 33 0.38 3.86 11.97
C ASP A 33 1.04 4.40 10.71
N ILE A 34 2.22 4.96 10.85
CA ILE A 34 2.98 5.45 9.71
C ILE A 34 3.84 4.29 9.18
N LYS A 35 3.50 3.79 8.00
CA LYS A 35 4.31 2.76 7.32
C LYS A 35 5.30 3.42 6.40
N THR A 36 6.59 3.28 6.72
CA THR A 36 7.61 4.10 6.08
C THR A 36 7.85 3.71 4.62
N SER A 37 7.53 2.46 4.28
CA SER A 37 7.64 1.99 2.89
C SER A 37 6.51 2.54 2.03
N GLU A 38 5.39 2.90 2.67
CA GLU A 38 4.23 3.49 1.97
C GLU A 38 4.17 5.03 1.99
N THR A 39 5.16 5.69 2.60
CA THR A 39 5.20 7.16 2.60
C THR A 39 5.70 7.71 1.27
N LYS A 40 5.25 8.91 0.91
CA LYS A 40 5.70 9.51 -0.33
C LYS A 40 6.49 10.77 -0.02
N HIS A 41 7.77 10.78 -0.41
CA HIS A 41 8.60 11.97 -0.23
C HIS A 41 8.02 13.10 -1.08
N ASP A 42 7.87 14.28 -0.48
CA ASP A 42 7.34 15.44 -1.15
C ASP A 42 8.35 16.57 -1.12
N THR A 43 8.82 16.91 -2.32
CA THR A 43 9.86 17.92 -2.52
C THR A 43 9.40 19.37 -2.27
N SER A 44 8.10 19.60 -2.37
CA SER A 44 7.52 20.93 -2.13
C SER A 44 7.43 21.29 -0.63
N LEU A 45 7.59 20.30 0.25
CA LEU A 45 7.52 20.53 1.70
C LEU A 45 8.67 21.38 2.19
N LYS A 46 8.31 22.51 2.78
CA LYS A 46 9.31 23.41 3.33
C LYS A 46 9.73 22.92 4.73
N PRO A 47 10.88 23.41 5.25
CA PRO A 47 11.20 23.09 6.64
C PRO A 47 10.18 23.71 7.61
N ILE A 48 10.03 23.06 8.75
CA ILE A 48 9.19 23.59 9.84
C ILE A 48 9.91 24.75 10.49
N SER A 49 9.17 25.83 10.67
CA SER A 49 9.65 27.00 11.35
C SER A 49 8.74 27.25 12.55
N VAL A 50 9.30 27.11 13.75
CA VAL A 50 8.61 27.53 14.99
C VAL A 50 9.28 28.73 15.62
N SER A 51 8.45 29.69 16.01
CA SER A 51 8.94 30.86 16.71
C SER A 51 7.96 31.16 17.83
N TYR A 52 8.31 30.72 19.02
CA TYR A 52 7.44 30.90 20.20
C TYR A 52 8.02 31.87 21.19
N ASN A 53 7.15 32.72 21.72
CA ASN A 53 7.54 33.70 22.71
C ASN A 53 7.21 33.12 24.09
N PRO A 54 8.22 32.98 25.01
CA PRO A 54 7.92 32.38 26.31
C PRO A 54 6.90 33.17 27.15
N ALA A 55 6.72 34.46 26.84
CA ALA A 55 5.72 35.30 27.51
C ALA A 55 4.26 34.89 27.20
N THR A 56 4.04 34.09 26.16
CA THR A 56 2.67 33.60 25.86
C THR A 56 2.21 32.43 26.74
N ALA A 57 3.13 31.77 27.46
CA ALA A 57 2.73 30.71 28.37
C ALA A 57 1.78 31.27 29.43
N LYS A 58 0.67 30.57 29.67
CA LYS A 58 -0.39 31.11 30.53
C LYS A 58 -0.69 30.27 31.76
N GLU A 59 -1.11 29.01 31.54
CA GLU A 59 -1.74 28.25 32.59
C GLU A 59 -1.59 26.76 32.33
N ILE A 60 -1.53 25.99 33.41
CA ILE A 60 -1.58 24.54 33.36
C ILE A 60 -2.85 24.09 34.06
N ILE A 61 -3.54 23.11 33.48
CA ILE A 61 -4.86 22.69 33.94
CA ILE A 61 -4.80 22.67 34.04
C ILE A 61 -5.01 21.17 33.94
N ASN A 62 -5.56 20.62 35.02
CA ASN A 62 -5.96 19.22 35.03
C ASN A 62 -7.35 19.12 34.46
N VAL A 63 -7.47 18.46 33.30
CA VAL A 63 -8.76 18.35 32.61
C VAL A 63 -9.40 16.97 32.77
N GLY A 64 -8.93 16.23 33.76
CA GLY A 64 -9.57 14.95 34.08
C GLY A 64 -8.98 13.75 33.36
N HIS A 65 -8.92 13.82 32.03
CA HIS A 65 -8.32 12.73 31.24
C HIS A 65 -6.85 12.99 30.93
N SER A 66 -6.42 14.24 31.16
CA SER A 66 -5.10 14.71 30.80
C SER A 66 -4.82 16.03 31.54
N PHE A 67 -3.72 16.68 31.18
CA PHE A 67 -3.46 18.02 31.60
C PHE A 67 -3.04 18.82 30.39
N HIS A 68 -3.34 20.11 30.41
CA HIS A 68 -3.05 21.01 29.30
C HIS A 68 -2.20 22.18 29.76
N VAL A 69 -1.27 22.61 28.90
CA VAL A 69 -0.55 23.86 29.12
C VAL A 69 -1.00 24.79 28.00
N ASN A 70 -1.72 25.84 28.40
CA ASN A 70 -2.31 26.78 27.48
C ASN A 70 -1.50 28.04 27.33
N PHE A 71 -1.63 28.64 26.14
CA PHE A 71 -0.90 29.85 25.79
C PHE A 71 -1.88 30.94 25.39
N GLU A 72 -1.51 32.17 25.74
CA GLU A 72 -2.18 33.35 25.21
C GLU A 72 -2.14 33.32 23.69
N ASP A 73 -3.30 33.46 23.06
CA ASP A 73 -3.40 33.35 21.59
C ASP A 73 -4.12 34.56 20.94
N ASN A 74 -3.91 35.74 21.51
CA ASN A 74 -4.54 36.96 20.96
C ASN A 74 -3.79 37.60 19.80
N ASP A 75 -2.53 37.21 19.60
CA ASP A 75 -1.70 37.77 18.54
C ASP A 75 -0.67 36.75 18.10
N ASN A 76 0.16 37.14 17.12
CA ASN A 76 1.11 36.21 16.52
C ASN A 76 2.49 36.18 17.16
N ARG A 77 2.55 36.38 18.48
CA ARG A 77 3.82 36.26 19.18
C ARG A 77 4.43 34.85 19.10
N SER A 78 3.58 33.82 19.02
CA SER A 78 4.01 32.41 19.01
C SER A 78 3.37 31.70 17.82
N VAL A 79 4.18 31.38 16.81
CA VAL A 79 3.64 30.90 15.54
C VAL A 79 4.43 29.72 14.94
N LEU A 80 3.70 28.88 14.20
CA LEU A 80 4.24 27.80 13.37
C LEU A 80 4.05 28.20 11.89
N LYS A 81 5.11 28.01 11.09
CA LYS A 81 5.11 28.31 9.65
C LYS A 81 5.88 27.21 8.91
N GLY A 82 5.77 27.21 7.58
CA GLY A 82 6.54 26.30 6.74
C GLY A 82 5.89 24.94 6.65
N GLY A 83 6.69 23.90 6.45
CA GLY A 83 6.17 22.56 6.21
C GLY A 83 5.21 22.56 5.04
N PRO A 84 3.99 22.03 5.25
CA PRO A 84 3.00 22.02 4.18
C PRO A 84 2.13 23.29 4.09
N PHE A 85 2.41 24.27 4.93
CA PHE A 85 1.51 25.43 5.12
C PHE A 85 1.94 26.68 4.39
N SER A 86 0.95 27.40 3.88
CA SER A 86 1.18 28.77 3.40
C SER A 86 0.78 29.78 4.46
N ASP A 87 -0.20 29.36 5.28
CA ASP A 87 -0.74 30.15 6.37
CA ASP A 87 -0.72 30.15 6.37
C ASP A 87 0.15 30.03 7.61
N SER A 88 0.13 31.07 8.45
CA SER A 88 0.80 31.08 9.74
C SER A 88 -0.20 30.48 10.77
N TYR A 89 0.26 29.59 11.65
CA TYR A 89 -0.61 28.97 12.67
C TYR A 89 -0.18 29.40 14.05
N ARG A 90 -1.15 29.77 14.89
CA ARG A 90 -0.84 30.36 16.19
C ARG A 90 -0.88 29.29 17.27
N LEU A 91 0.19 29.21 18.06
CA LEU A 91 0.28 28.28 19.17
C LEU A 91 -0.82 28.53 20.20
N PHE A 92 -1.47 27.48 20.66
CA PHE A 92 -2.43 27.63 21.76
C PHE A 92 -2.26 26.72 22.96
N GLN A 93 -1.62 25.55 22.76
CA GLN A 93 -1.52 24.56 23.83
C GLN A 93 -0.48 23.51 23.50
N PHE A 94 0.07 22.92 24.56
CA PHE A 94 0.67 21.60 24.41
C PHE A 94 0.17 20.67 25.49
N HIS A 95 0.22 19.36 25.20
CA HIS A 95 -0.16 18.33 26.17
C HIS A 95 0.48 17.02 25.75
N PHE A 96 0.24 15.97 26.54
CA PHE A 96 0.90 14.68 26.30
C PHE A 96 -0.17 13.63 26.28
N HIS A 97 0.19 12.50 25.67
CA HIS A 97 -0.56 11.25 25.87
C HIS A 97 0.42 10.22 26.37
N TRP A 98 -0.07 9.32 27.21
CA TRP A 98 0.77 8.22 27.73
C TRP A 98 -0.08 6.97 27.92
N GLY A 99 0.55 5.84 28.22
CA GLY A 99 -0.12 4.55 28.38
C GLY A 99 0.03 4.01 29.79
N SER A 100 -0.58 2.86 30.05
CA SER A 100 -0.57 2.18 31.37
C SER A 100 0.83 1.76 31.84
N THR A 101 1.64 1.32 30.88
CA THR A 101 3.02 0.89 31.13
C THR A 101 3.87 1.48 30.01
N ASN A 102 5.19 1.34 30.14
CA ASN A 102 6.16 1.86 29.15
C ASN A 102 5.97 1.28 27.73
N GLU A 103 5.34 0.11 27.64
CA GLU A 103 5.18 -0.69 26.41
C GLU A 103 4.38 0.04 25.34
N HIS A 104 3.50 0.92 25.79
CA HIS A 104 2.63 1.62 24.89
C HIS A 104 2.39 3.00 25.50
N GLY A 105 1.79 3.88 24.73
CA GLY A 105 1.45 5.18 25.25
C GLY A 105 1.43 6.29 24.25
N SER A 106 2.24 6.16 23.19
CA SER A 106 2.12 7.07 22.04
C SER A 106 0.79 6.87 21.35
N GLU A 107 0.39 7.86 20.56
CA GLU A 107 -0.83 7.71 19.78
C GLU A 107 -0.44 7.25 18.39
N HIS A 108 0.39 8.03 17.72
CA HIS A 108 0.97 7.57 16.46
C HIS A 108 1.94 6.41 16.72
N THR A 109 2.04 5.51 15.75
CA THR A 109 3.06 4.47 15.76
C THR A 109 3.82 4.55 14.43
N VAL A 110 5.04 4.01 14.39
CA VAL A 110 5.84 4.09 13.17
C VAL A 110 6.27 2.66 12.87
N ASP A 111 5.84 2.17 11.71
CA ASP A 111 6.01 0.74 11.34
C ASP A 111 5.59 -0.25 12.43
N GLY A 112 4.45 0.04 13.07
CA GLY A 112 3.89 -0.81 14.12
C GLY A 112 4.50 -0.62 15.50
N VAL A 113 5.56 0.19 15.59
CA VAL A 113 6.26 0.40 16.87
C VAL A 113 5.55 1.44 17.73
N LYS A 114 5.20 1.03 18.95
CA LYS A 114 4.55 1.92 19.94
C LYS A 114 5.62 2.53 20.83
N TYR A 115 5.54 3.85 21.00
CA TYR A 115 6.39 4.55 21.95
C TYR A 115 5.69 4.71 23.29
N SER A 116 6.37 5.30 24.28
CA SER A 116 5.86 5.31 25.65
C SER A 116 4.92 6.47 25.91
N ALA A 117 5.10 7.55 25.15
CA ALA A 117 4.25 8.73 25.28
C ALA A 117 4.35 9.54 24.00
N GLU A 118 3.60 10.64 23.93
CA GLU A 118 3.59 11.50 22.75
C GLU A 118 3.25 12.92 23.18
N LEU A 119 4.01 13.87 22.65
CA LEU A 119 3.83 15.30 22.92
C LEU A 119 3.06 15.87 21.73
N HIS A 120 2.01 16.65 22.02
CA HIS A 120 1.23 17.37 21.01
C HIS A 120 1.36 18.87 21.23
N VAL A 121 1.81 19.59 20.21
CA VAL A 121 1.91 21.06 20.27
C VAL A 121 0.88 21.56 19.24
N ALA A 122 -0.16 22.22 19.74
CA ALA A 122 -1.36 22.48 18.91
C ALA A 122 -1.46 23.96 18.56
N HIS A 123 -1.92 24.22 17.35
CA HIS A 123 -1.96 25.57 16.78
C HIS A 123 -3.23 25.71 15.97
N TRP A 124 -3.67 26.96 15.77
CA TRP A 124 -4.83 27.24 14.94
C TRP A 124 -4.53 28.30 13.86
N ASN A 125 -5.26 28.18 12.76
CA ASN A 125 -5.01 28.98 11.56
C ASN A 125 -5.55 30.40 11.74
N SER A 126 -4.68 31.31 12.15
CA SER A 126 -5.04 32.70 12.41
C SER A 126 -4.98 33.56 11.15
N ALA A 127 -4.44 33.00 10.06
CA ALA A 127 -4.45 33.69 8.76
C ALA A 127 -5.87 33.71 8.19
N LYS A 128 -6.58 32.59 8.36
CA LYS A 128 -7.93 32.39 7.81
C LYS A 128 -9.04 32.68 8.82
N TYR A 129 -8.81 32.37 10.10
CA TYR A 129 -9.90 32.36 11.09
C TYR A 129 -9.57 33.30 12.21
N SER A 130 -10.60 33.68 12.97
CA SER A 130 -10.47 34.70 13.98
C SER A 130 -10.30 34.13 15.38
N SER A 131 -10.58 32.84 15.55
CA SER A 131 -10.50 32.23 16.88
C SER A 131 -10.27 30.74 16.76
N LEU A 132 -9.76 30.16 17.85
CA LEU A 132 -9.72 28.71 17.98
C LEU A 132 -11.09 28.07 17.75
N ALA A 133 -12.14 28.61 18.38
CA ALA A 133 -13.49 28.03 18.23
C ALA A 133 -13.94 27.96 16.78
N GLU A 134 -13.66 29.01 16.01
CA GLU A 134 -13.97 29.02 14.56
C GLU A 134 -13.13 28.00 13.78
N ALA A 135 -11.83 28.01 14.05
CA ALA A 135 -10.86 27.18 13.34
C ALA A 135 -11.05 25.68 13.55
N ALA A 136 -11.53 25.32 14.73
CA ALA A 136 -11.51 23.93 15.21
C ALA A 136 -12.28 22.93 14.36
N SER A 137 -13.29 23.39 13.63
CA SER A 137 -14.12 22.48 12.83
C SER A 137 -13.81 22.57 11.32
N LYS A 138 -12.83 23.40 10.95
CA LYS A 138 -12.46 23.63 9.53
C LYS A 138 -11.34 22.71 9.11
N ALA A 139 -11.39 22.19 7.88
CA ALA A 139 -10.42 21.19 7.43
C ALA A 139 -8.98 21.67 7.53
N ASP A 140 -8.77 22.96 7.34
CA ASP A 140 -7.44 23.58 7.42
C ASP A 140 -7.24 24.42 8.69
N GLY A 141 -8.03 24.11 9.72
CA GLY A 141 -8.09 24.97 10.89
C GLY A 141 -7.03 24.75 11.94
N LEU A 142 -6.57 23.49 12.10
CA LEU A 142 -5.60 23.14 13.15
C LEU A 142 -4.33 22.51 12.60
N ALA A 143 -3.21 22.76 13.30
CA ALA A 143 -1.92 22.14 12.97
C ALA A 143 -1.34 21.64 14.29
N VAL A 144 -1.00 20.36 14.34
CA VAL A 144 -0.48 19.78 15.58
C VAL A 144 0.82 19.07 15.27
N ILE A 145 1.87 19.44 15.99
CA ILE A 145 3.16 18.75 15.92
C ILE A 145 3.07 17.60 16.93
N GLY A 146 3.35 16.38 16.46
CA GLY A 146 3.44 15.22 17.34
C GLY A 146 4.87 14.77 17.46
N VAL A 147 5.30 14.51 18.69
CA VAL A 147 6.67 14.06 18.95
C VAL A 147 6.56 12.79 19.78
N LEU A 148 7.16 11.73 19.24
CA LEU A 148 7.17 10.41 19.85
C LEU A 148 8.17 10.44 21.00
N MET A 149 7.75 9.90 22.15
CA MET A 149 8.60 9.92 23.34
C MET A 149 9.02 8.50 23.70
N LYS A 150 10.33 8.27 23.61
CA LYS A 150 10.90 6.94 23.83
CA LYS A 150 10.95 6.97 23.81
C LYS A 150 11.49 6.86 25.22
N VAL A 151 11.05 5.85 25.96
CA VAL A 151 11.52 5.62 27.31
C VAL A 151 13.04 5.38 27.28
N GLY A 152 13.73 6.08 28.18
CA GLY A 152 15.20 6.05 28.26
C GLY A 152 15.63 7.03 29.34
N GLU A 153 16.60 7.87 29.00
CA GLU A 153 17.18 8.82 29.95
C GLU A 153 16.13 9.86 30.31
N ALA A 154 16.22 10.34 31.56
CA ALA A 154 15.37 11.46 31.99
C ALA A 154 15.59 12.66 31.09
N ASN A 155 14.49 13.30 30.73
CA ASN A 155 14.54 14.46 29.85
C ASN A 155 14.47 15.74 30.70
N PRO A 156 15.59 16.50 30.79
CA PRO A 156 15.56 17.70 31.66
C PRO A 156 14.65 18.82 31.17
N LYS A 157 14.35 18.85 29.87
CA LYS A 157 13.49 19.88 29.31
C LYS A 157 12.07 19.76 29.84
N LEU A 158 11.68 18.56 30.26
CA LEU A 158 10.37 18.37 30.86
C LEU A 158 10.21 18.91 32.28
N GLN A 159 11.30 19.45 32.87
CA GLN A 159 11.37 19.74 34.30
C GLN A 159 10.35 20.72 34.81
N LYS A 160 10.22 21.88 34.16
CA LYS A 160 9.25 22.87 34.60
C LYS A 160 7.84 22.26 34.58
N VAL A 161 7.53 21.51 33.51
CA VAL A 161 6.20 20.88 33.36
C VAL A 161 5.91 19.89 34.48
N LEU A 162 6.85 18.98 34.71
CA LEU A 162 6.70 17.99 35.77
C LEU A 162 6.60 18.61 37.16
N ASP A 163 7.42 19.64 37.42
CA ASP A 163 7.41 20.34 38.70
C ASP A 163 6.08 21.05 38.94
N ALA A 164 5.35 21.39 37.88
CA ALA A 164 4.08 22.11 38.03
C ALA A 164 2.93 21.17 38.44
N LEU A 165 3.09 19.86 38.22
CA LEU A 165 1.96 18.93 38.36
C LEU A 165 1.44 18.80 39.79
N GLN A 166 2.32 18.98 40.77
CA GLN A 166 1.94 18.90 42.18
C GLN A 166 0.88 19.93 42.60
N ALA A 167 0.70 20.97 41.80
CA ALA A 167 -0.31 22.01 42.09
C ALA A 167 -1.61 21.80 41.38
N ILE A 168 -1.66 20.82 40.49
CA ILE A 168 -2.87 20.52 39.73
C ILE A 168 -3.18 19.02 39.80
N LYS A 169 -3.09 18.44 40.99
CA LYS A 169 -3.21 16.97 41.11
C LYS A 169 -4.55 16.39 40.74
N THR A 170 -5.62 17.15 40.98
CA THR A 170 -6.98 16.64 40.81
C THR A 170 -7.75 17.47 39.76
N LYS A 171 -8.75 16.84 39.21
CA LYS A 171 -9.55 17.39 38.12
C LYS A 171 -10.07 18.79 38.38
N GLY A 172 -9.82 19.70 37.43
CA GLY A 172 -10.29 21.08 37.54
C GLY A 172 -9.29 22.04 38.13
N LYS A 173 -8.28 21.53 38.85
CA LYS A 173 -7.24 22.42 39.37
C LYS A 173 -6.44 23.05 38.24
N ARG A 174 -6.05 24.29 38.44
CA ARG A 174 -5.28 25.05 37.45
C ARG A 174 -4.37 26.02 38.17
N ALA A 175 -3.29 26.39 37.50
CA ALA A 175 -2.29 27.25 38.09
C ALA A 175 -1.61 28.02 36.97
N PRO A 176 -1.10 29.25 37.27
CA PRO A 176 -0.31 29.94 36.26
C PRO A 176 0.90 29.10 35.86
N PHE A 177 1.23 29.17 34.59
CA PHE A 177 2.42 28.51 34.06
C PHE A 177 2.98 29.45 33.02
N THR A 178 4.07 30.12 33.39
CA THR A 178 4.51 31.27 32.62
C THR A 178 5.97 31.11 32.19
N ASN A 179 6.35 31.95 31.24
CA ASN A 179 7.74 32.12 30.83
C ASN A 179 8.36 30.78 30.38
N PHE A 180 7.69 30.15 29.43
CA PHE A 180 8.10 28.86 28.89
C PHE A 180 7.92 28.80 27.37
N ASP A 181 8.98 28.35 26.70
CA ASP A 181 8.99 28.21 25.24
C ASP A 181 8.98 26.71 24.91
N PRO A 182 7.85 26.18 24.40
CA PRO A 182 7.73 24.72 24.21
C PRO A 182 8.54 24.21 23.01
N SER A 183 9.10 25.09 22.20
CA SER A 183 10.05 24.61 21.17
C SER A 183 11.31 23.95 21.80
N THR A 184 11.57 24.22 23.09
CA THR A 184 12.64 23.56 23.86
C THR A 184 12.41 22.06 24.01
N LEU A 185 11.16 21.62 23.82
CA LEU A 185 10.78 20.21 23.96
C LEU A 185 10.91 19.43 22.65
N LEU A 186 11.05 20.16 21.55
CA LEU A 186 11.13 19.56 20.23
C LEU A 186 12.50 18.87 20.02
N PRO A 187 12.55 17.83 19.16
CA PRO A 187 13.83 17.19 18.87
C PRO A 187 14.73 18.10 18.02
N SER A 188 16.02 17.83 17.98
CA SER A 188 16.95 18.75 17.29
C SER A 188 16.75 18.79 15.76
N SER A 189 16.40 17.65 15.17
CA SER A 189 15.95 17.62 13.78
C SER A 189 14.44 17.76 13.72
N LEU A 190 13.98 18.60 12.79
CA LEU A 190 12.55 18.76 12.55
C LEU A 190 12.09 18.10 11.24
N ASP A 191 12.83 17.07 10.79
CA ASP A 191 12.34 16.21 9.72
C ASP A 191 11.02 15.61 10.13
N PHE A 192 10.07 15.57 9.23
CA PHE A 192 8.72 15.19 9.60
C PHE A 192 7.95 14.40 8.56
N TRP A 193 6.88 13.76 9.04
CA TRP A 193 5.82 13.25 8.21
C TRP A 193 4.62 14.18 8.36
N THR A 194 3.77 14.23 7.32
CA THR A 194 2.52 14.98 7.44
C THR A 194 1.38 14.25 6.74
N TYR A 195 0.19 14.36 7.31
CA TYR A 195 -1.01 13.78 6.73
C TYR A 195 -2.24 14.54 7.28
N PRO A 196 -3.35 14.52 6.53
CA PRO A 196 -4.58 15.13 6.99
C PRO A 196 -5.32 14.22 7.95
N GLY A 197 -5.66 14.74 9.13
CA GLY A 197 -6.29 13.90 10.11
C GLY A 197 -7.19 14.64 11.06
N SER A 198 -7.22 14.19 12.31
CA SER A 198 -8.29 14.63 13.19
C SER A 198 -7.76 14.93 14.59
N LEU A 199 -8.60 15.55 15.41
CA LEU A 199 -8.39 15.48 16.86
C LEU A 199 -8.46 14.02 17.28
N THR A 200 -7.64 13.66 18.28
CA THR A 200 -7.57 12.24 18.66
C THR A 200 -8.49 11.86 19.81
N HIS A 201 -9.27 12.83 20.27
CA HIS A 201 -10.34 12.54 21.20
C HIS A 201 -11.55 13.41 20.89
N PRO A 202 -12.72 13.11 21.47
CA PRO A 202 -13.92 13.90 21.16
C PRO A 202 -13.65 15.40 21.32
N PRO A 203 -14.13 16.21 20.39
CA PRO A 203 -15.12 15.85 19.36
C PRO A 203 -14.59 15.26 18.03
N LEU A 204 -13.28 14.97 17.95
CA LEU A 204 -12.74 14.16 16.85
C LEU A 204 -12.83 14.83 15.46
N TYR A 205 -12.94 16.16 15.43
CA TYR A 205 -13.00 16.95 14.19
C TYR A 205 -11.86 16.64 13.26
N GLU A 206 -12.18 16.44 11.98
CA GLU A 206 -11.19 16.19 10.95
C GLU A 206 -10.61 17.50 10.43
N SER A 207 -9.98 18.21 11.35
CA SER A 207 -9.54 19.55 11.14
C SER A 207 -8.04 19.72 11.33
N VAL A 208 -7.30 18.62 11.48
CA VAL A 208 -5.88 18.70 11.85
C VAL A 208 -4.95 18.30 10.70
N THR A 209 -4.00 19.17 10.40
CA THR A 209 -2.83 18.77 9.62
C THR A 209 -1.78 18.34 10.63
N TRP A 210 -1.45 17.05 10.59
CA TRP A 210 -0.48 16.49 11.52
C TRP A 210 0.93 16.66 11.00
N ILE A 211 1.84 17.03 11.89
CA ILE A 211 3.28 17.13 11.62
C ILE A 211 3.94 16.21 12.64
N ILE A 212 4.42 15.04 12.20
CA ILE A 212 4.95 14.03 13.12
C ILE A 212 6.45 14.02 12.92
N CYS A 213 7.18 14.29 13.98
CA CYS A 213 8.65 14.31 13.93
C CYS A 213 9.23 12.91 13.77
N LYS A 214 10.24 12.80 12.91
CA LYS A 214 10.94 11.55 12.68
C LYS A 214 11.78 11.15 13.92
N GLU A 215 12.42 12.15 14.53
CA GLU A 215 13.25 11.94 15.70
CA GLU A 215 13.27 11.96 15.69
C GLU A 215 12.40 11.93 16.95
N SER A 216 12.65 10.95 17.81
CA SER A 216 12.00 10.92 19.11
C SER A 216 12.72 11.83 20.11
N ILE A 217 12.04 12.10 21.23
CA ILE A 217 12.68 12.70 22.41
C ILE A 217 12.60 11.69 23.53
N SER A 218 13.45 11.88 24.54
CA SER A 218 13.51 10.93 25.63
CA SER A 218 13.50 10.91 25.63
C SER A 218 12.52 11.24 26.75
N VAL A 219 12.25 10.24 27.57
CA VAL A 219 11.48 10.39 28.80
C VAL A 219 11.89 9.22 29.68
N SER A 220 12.09 9.44 30.99
CA SER A 220 12.40 8.32 31.86
C SER A 220 11.14 7.62 32.33
N SER A 221 11.32 6.38 32.81
CA SER A 221 10.25 5.59 33.43
CA SER A 221 10.24 5.60 33.40
C SER A 221 9.61 6.36 34.58
N GLU A 222 10.42 7.12 35.31
CA GLU A 222 9.95 7.87 36.50
C GLU A 222 9.20 9.15 36.10
N GLN A 223 9.64 9.78 35.01
CA GLN A 223 8.89 10.92 34.48
C GLN A 223 7.50 10.49 34.00
N LEU A 224 7.40 9.34 33.34
CA LEU A 224 6.12 8.77 32.93
C LEU A 224 5.24 8.47 34.13
N ALA A 225 5.84 7.95 35.20
CA ALA A 225 5.08 7.72 36.45
C ALA A 225 4.44 9.00 36.97
N GLN A 226 5.13 10.13 36.84
CA GLN A 226 4.58 11.42 37.24
C GLN A 226 3.27 11.74 36.50
N PHE A 227 3.25 11.55 35.18
CA PHE A 227 1.99 11.69 34.43
C PHE A 227 0.89 10.79 34.96
N ARG A 228 1.23 9.51 35.21
CA ARG A 228 0.25 8.50 35.61
CA ARG A 228 0.23 8.51 35.62
C ARG A 228 -0.24 8.71 37.05
N SER A 229 0.50 9.52 37.80
CA SER A 229 0.13 9.82 39.19
C SER A 229 -0.80 11.06 39.28
N LEU A 230 -1.00 11.77 38.16
CA LEU A 230 -2.12 12.73 38.13
C LEU A 230 -3.46 12.04 38.39
N LEU A 231 -4.38 12.75 39.05
CA LEU A 231 -5.66 12.15 39.39
C LEU A 231 -6.80 12.68 38.53
N SER A 232 -7.63 11.77 38.08
CA SER A 232 -8.78 12.12 37.27
C SER A 232 -10.02 12.54 38.08
N ASN A 233 -10.03 12.19 39.36
CA ASN A 233 -11.12 12.56 40.27
C ASN A 233 -10.97 13.99 40.76
N VAL A 234 -12.07 14.56 41.29
CA VAL A 234 -12.00 15.86 41.95
C VAL A 234 -11.51 15.71 43.39
N GLU A 235 -10.91 16.76 43.91
CA GLU A 235 -10.40 16.78 45.29
C GLU A 235 -11.44 16.24 46.30
N GLY A 236 -11.01 15.33 47.18
CA GLY A 236 -11.90 14.80 48.21
C GLY A 236 -12.48 13.44 47.85
N ASP A 237 -12.59 13.14 46.56
CA ASP A 237 -13.07 11.82 46.11
C ASP A 237 -11.97 10.77 46.19
N ASN A 238 -12.37 9.51 46.02
CA ASN A 238 -11.43 8.39 45.92
C ASN A 238 -10.46 8.69 44.79
N ALA A 239 -9.16 8.54 45.07
CA ALA A 239 -8.11 8.76 44.06
C ALA A 239 -8.24 7.82 42.86
N VAL A 240 -8.27 8.38 41.65
CA VAL A 240 -8.34 7.57 40.44
C VAL A 240 -7.20 8.09 39.54
N PRO A 241 -6.05 7.40 39.56
CA PRO A 241 -4.93 7.81 38.71
C PRO A 241 -5.29 7.84 37.22
N MET A 242 -4.72 8.80 36.52
CA MET A 242 -4.82 8.93 35.07
C MET A 242 -3.87 7.93 34.41
N GLN A 243 -4.28 6.67 34.29
CA GLN A 243 -3.35 5.62 33.88
C GLN A 243 -2.92 5.70 32.42
N HIS A 244 -3.84 6.18 31.56
CA HIS A 244 -3.60 6.22 30.10
C HIS A 244 -4.61 7.12 29.41
N ASN A 245 -4.25 7.61 28.23
CA ASN A 245 -5.12 8.51 27.49
C ASN A 245 -4.75 8.52 26.01
N ASN A 246 -4.27 7.38 25.52
CA ASN A 246 -3.95 7.25 24.09
C ASN A 246 -4.99 6.50 23.30
N ARG A 247 -5.31 7.04 22.15
CA ARG A 247 -6.27 6.40 21.26
C ARG A 247 -5.53 5.40 20.38
N PRO A 248 -6.15 4.21 20.10
CA PRO A 248 -5.62 3.29 19.07
C PRO A 248 -5.50 3.92 17.70
N THR A 249 -4.53 3.46 16.92
CA THR A 249 -4.37 3.94 15.54
C THR A 249 -5.59 3.55 14.68
N GLN A 250 -5.86 4.39 13.69
CA GLN A 250 -7.09 4.35 12.92
C GLN A 250 -6.74 4.11 11.46
N PRO A 251 -7.69 3.59 10.65
CA PRO A 251 -7.39 3.28 9.24
C PRO A 251 -7.05 4.49 8.38
N LEU A 252 -6.05 4.37 7.52
CA LEU A 252 -5.67 5.47 6.63
C LEU A 252 -6.74 5.82 5.61
N LYS A 253 -7.55 4.83 5.23
CA LYS A 253 -8.65 5.01 4.24
C LYS A 253 -8.16 5.76 3.01
N GLY A 254 -7.04 5.30 2.47
CA GLY A 254 -6.47 5.89 1.26
C GLY A 254 -5.77 7.22 1.36
N ARG A 255 -5.58 7.74 2.58
CA ARG A 255 -4.75 8.94 2.73
C ARG A 255 -3.29 8.60 2.50
N THR A 256 -2.55 9.60 2.07
CA THR A 256 -1.09 9.48 1.90
C THR A 256 -0.38 10.23 3.00
N VAL A 257 0.56 9.55 3.66
CA VAL A 257 1.47 10.21 4.57
C VAL A 257 2.70 10.68 3.77
N ARG A 258 2.93 11.98 3.74
CA ARG A 258 4.09 12.54 3.05
C ARG A 258 5.28 12.69 4.00
N ALA A 259 6.49 12.57 3.44
CA ALA A 259 7.74 12.75 4.18
C ALA A 259 8.50 13.96 3.69
N SER A 260 9.06 14.74 4.62
CA SER A 260 9.89 15.88 4.29
C SER A 260 11.36 15.50 4.01
N PHE A 261 11.65 14.20 4.11
CA PHE A 261 13.01 13.67 4.14
C PHE A 261 13.06 12.36 3.35
N ASP B 5 -18.62 -22.59 -11.49
CA ASP B 5 -18.06 -21.64 -12.49
C ASP B 5 -17.06 -22.32 -13.44
N TRP B 6 -15.81 -21.84 -13.52
CA TRP B 6 -14.77 -22.54 -14.28
C TRP B 6 -13.47 -22.56 -13.49
N GLY B 7 -12.70 -23.62 -13.68
CA GLY B 7 -11.39 -23.77 -13.05
C GLY B 7 -10.58 -24.80 -13.80
N TYR B 8 -9.75 -25.53 -13.05
CA TYR B 8 -8.85 -26.52 -13.60
C TYR B 8 -9.02 -27.89 -12.98
N ASP B 9 -10.00 -28.02 -12.07
CA ASP B 9 -10.27 -29.31 -11.42
CA ASP B 9 -10.22 -29.32 -11.44
C ASP B 9 -11.15 -30.21 -12.27
N ASP B 10 -11.39 -31.44 -11.81
CA ASP B 10 -12.23 -32.41 -12.51
C ASP B 10 -13.63 -31.89 -12.85
N LYS B 11 -14.27 -31.21 -11.90
CA LYS B 11 -15.66 -30.75 -12.05
C LYS B 11 -15.83 -29.58 -13.02
N ASN B 12 -14.86 -28.65 -13.03
CA ASN B 12 -15.01 -27.38 -13.77
C ASN B 12 -13.88 -27.06 -14.76
N GLY B 13 -13.08 -28.09 -15.08
CA GLY B 13 -11.84 -27.93 -15.83
C GLY B 13 -11.99 -27.88 -17.34
N PRO B 14 -10.85 -27.85 -18.07
CA PRO B 14 -10.81 -27.72 -19.53
C PRO B 14 -11.73 -28.65 -20.31
N GLU B 15 -11.91 -29.90 -19.86
CA GLU B 15 -12.77 -30.86 -20.59
C GLU B 15 -14.26 -30.52 -20.52
N GLN B 16 -14.63 -29.69 -19.55
CA GLN B 16 -16.01 -29.30 -19.39
C GLN B 16 -16.30 -27.82 -19.69
N TRP B 17 -15.27 -27.04 -20.05
CA TRP B 17 -15.46 -25.61 -20.35
C TRP B 17 -16.49 -25.34 -21.46
N SER B 18 -16.58 -26.25 -22.44
CA SER B 18 -17.52 -26.11 -23.56
C SER B 18 -19.01 -25.96 -23.17
N LYS B 19 -19.36 -26.40 -21.95
CA LYS B 19 -20.75 -26.26 -21.46
C LYS B 19 -21.13 -24.78 -21.26
N LEU B 20 -20.26 -24.05 -20.56
CA LEU B 20 -20.47 -22.61 -20.38
C LEU B 20 -19.87 -21.78 -21.51
N TYR B 21 -18.89 -22.34 -22.22
CA TYR B 21 -18.16 -21.61 -23.25
C TYR B 21 -18.01 -22.48 -24.49
N PRO B 22 -19.08 -22.59 -25.33
CA PRO B 22 -19.06 -23.43 -26.54
C PRO B 22 -17.92 -23.15 -27.53
N ILE B 23 -17.41 -21.91 -27.52
CA ILE B 23 -16.23 -21.58 -28.30
C ILE B 23 -15.01 -22.47 -27.98
N ALA B 24 -15.05 -23.17 -26.84
CA ALA B 24 -13.98 -24.11 -26.43
C ALA B 24 -13.69 -25.18 -27.49
N ASN B 25 -14.74 -25.54 -28.23
CA ASN B 25 -14.62 -26.45 -29.38
C ASN B 25 -14.46 -25.72 -30.72
N GLY B 26 -14.03 -24.46 -30.69
CA GLY B 26 -13.85 -23.68 -31.90
C GLY B 26 -12.70 -24.11 -32.78
N ASN B 27 -12.52 -23.39 -33.87
CA ASN B 27 -11.51 -23.71 -34.87
C ASN B 27 -10.18 -22.96 -34.70
N ASN B 28 -10.13 -22.03 -33.73
CA ASN B 28 -8.92 -21.24 -33.52
C ASN B 28 -8.56 -21.24 -32.04
N GLN B 29 -8.61 -22.41 -31.43
CA GLN B 29 -8.37 -22.53 -29.98
C GLN B 29 -6.89 -22.72 -29.66
N SER B 30 -6.51 -22.25 -28.46
CA SER B 30 -5.13 -22.33 -27.99
C SER B 30 -5.10 -23.01 -26.63
N PRO B 31 -3.96 -23.59 -26.21
CA PRO B 31 -2.69 -23.64 -26.93
C PRO B 31 -2.70 -24.75 -27.98
N VAL B 32 -1.60 -24.87 -28.70
CA VAL B 32 -1.44 -25.89 -29.75
C VAL B 32 -0.06 -26.51 -29.61
N ASP B 33 0.11 -27.69 -30.18
CA ASP B 33 1.42 -28.27 -30.33
C ASP B 33 2.02 -27.67 -31.60
N ILE B 34 3.29 -27.26 -31.52
CA ILE B 34 3.97 -26.76 -32.71
C ILE B 34 4.82 -27.92 -33.25
N LYS B 35 4.38 -28.48 -34.38
CA LYS B 35 5.12 -29.55 -35.07
C LYS B 35 6.07 -28.87 -36.03
N THR B 36 7.36 -28.90 -35.68
CA THR B 36 8.38 -28.10 -36.38
C THR B 36 8.59 -28.51 -37.84
N SER B 37 8.26 -29.77 -38.14
CA SER B 37 8.31 -30.28 -39.52
C SER B 37 7.18 -29.72 -40.39
N GLU B 38 6.11 -29.21 -39.76
CA GLU B 38 4.95 -28.61 -40.44
C GLU B 38 4.96 -27.06 -40.46
N THR B 39 5.94 -26.44 -39.80
CA THR B 39 6.00 -24.97 -39.80
C THR B 39 6.45 -24.43 -41.15
N LYS B 40 5.94 -23.26 -41.48
CA LYS B 40 6.26 -22.60 -42.74
C LYS B 40 7.02 -21.31 -42.46
N HIS B 41 8.18 -21.15 -43.08
CA HIS B 41 8.89 -19.88 -43.00
C HIS B 41 8.22 -18.80 -43.87
N ASP B 42 7.92 -17.68 -43.25
CA ASP B 42 7.23 -16.59 -43.92
C ASP B 42 8.18 -15.39 -43.93
N THR B 43 8.60 -14.98 -45.13
CA THR B 43 9.60 -13.91 -45.27
C THR B 43 9.06 -12.52 -44.86
N SER B 44 7.73 -12.39 -44.77
CA SER B 44 7.10 -11.12 -44.39
C SER B 44 7.15 -10.89 -42.88
N LEU B 45 7.58 -11.91 -42.13
CA LEU B 45 7.68 -11.77 -40.65
C LEU B 45 8.91 -10.97 -40.26
N LYS B 46 8.67 -9.77 -39.71
CA LYS B 46 9.72 -8.89 -39.23
C LYS B 46 10.17 -9.39 -37.86
N PRO B 47 11.36 -8.96 -37.38
CA PRO B 47 11.70 -9.29 -35.99
C PRO B 47 10.69 -8.63 -35.06
N ILE B 48 10.44 -9.23 -33.90
CA ILE B 48 9.56 -8.58 -32.95
C ILE B 48 10.37 -7.52 -32.21
N SER B 49 9.71 -6.40 -31.95
CA SER B 49 10.29 -5.28 -31.26
C SER B 49 9.47 -5.03 -30.01
N VAL B 50 10.09 -5.19 -28.84
CA VAL B 50 9.43 -4.81 -27.61
C VAL B 50 10.16 -3.62 -27.00
N SER B 51 9.41 -2.54 -26.76
CA SER B 51 9.92 -1.42 -25.96
CA SER B 51 9.90 -1.38 -26.02
C SER B 51 8.88 -1.08 -24.92
N TYR B 52 9.17 -1.56 -23.74
CA TYR B 52 8.31 -1.40 -22.61
C TYR B 52 8.90 -0.33 -21.74
N ASN B 53 8.04 0.42 -21.08
CA ASN B 53 8.43 1.47 -20.15
C ASN B 53 8.20 0.90 -18.75
N PRO B 54 9.25 0.75 -17.94
CA PRO B 54 9.09 0.12 -16.60
C PRO B 54 8.18 0.87 -15.61
N ALA B 55 7.97 2.17 -15.86
CA ALA B 55 7.01 2.99 -15.09
C ALA B 55 5.55 2.59 -15.34
N THR B 56 5.29 1.75 -16.34
CA THR B 56 3.92 1.30 -16.60
C THR B 56 3.47 0.14 -15.70
N ALA B 57 4.42 -0.52 -15.03
CA ALA B 57 4.11 -1.59 -14.08
C ALA B 57 3.18 -1.02 -13.02
N LYS B 58 2.09 -1.73 -12.73
CA LYS B 58 1.06 -1.18 -11.82
C LYS B 58 0.77 -2.05 -10.58
N GLU B 59 0.31 -3.28 -10.79
CA GLU B 59 -0.30 -4.06 -9.71
C GLU B 59 -0.11 -5.55 -9.93
N ILE B 60 0.04 -6.29 -8.84
CA ILE B 60 0.02 -7.74 -8.89
C ILE B 60 -1.24 -8.19 -8.13
N ILE B 61 -1.91 -9.23 -8.65
CA ILE B 61 -3.20 -9.63 -8.12
C ILE B 61 -3.38 -11.14 -8.20
N ASN B 62 -3.90 -11.71 -7.11
CA ASN B 62 -4.24 -13.13 -7.10
C ASN B 62 -5.66 -13.27 -7.66
N VAL B 63 -5.79 -13.96 -8.79
CA VAL B 63 -7.09 -14.15 -9.49
C VAL B 63 -7.74 -15.53 -9.27
N GLY B 64 -7.30 -16.22 -8.22
CA GLY B 64 -7.91 -17.51 -7.87
C GLY B 64 -7.32 -18.70 -8.59
N HIS B 65 -7.25 -18.65 -9.92
CA HIS B 65 -6.65 -19.75 -10.68
C HIS B 65 -5.19 -19.46 -11.04
N SER B 66 -4.78 -18.21 -10.85
CA SER B 66 -3.45 -17.74 -11.24
C SER B 66 -3.17 -16.43 -10.53
N PHE B 67 -2.09 -15.77 -10.93
CA PHE B 67 -1.85 -14.40 -10.51
C PHE B 67 -1.43 -13.61 -11.73
N HIS B 68 -1.77 -12.32 -11.74
CA HIS B 68 -1.46 -11.45 -12.89
C HIS B 68 -0.63 -10.27 -12.42
N VAL B 69 0.28 -9.83 -13.29
CA VAL B 69 0.96 -8.55 -13.10
C VAL B 69 0.42 -7.63 -14.18
N ASN B 70 -0.28 -6.58 -13.75
CA ASN B 70 -0.92 -5.64 -14.64
C ASN B 70 -0.16 -4.36 -14.81
N PHE B 71 -0.34 -3.77 -16.00
CA PHE B 71 0.32 -2.53 -16.42
C PHE B 71 -0.68 -1.44 -16.72
N GLU B 72 -0.28 -0.19 -16.47
CA GLU B 72 -1.06 0.96 -16.89
C GLU B 72 -1.09 0.91 -18.43
N ASP B 73 -2.28 0.99 -19.02
CA ASP B 73 -2.44 0.87 -20.49
C ASP B 73 -3.23 2.04 -21.08
N ASN B 74 -3.17 3.19 -20.42
CA ASN B 74 -3.89 4.39 -20.87
C ASN B 74 -3.27 5.02 -22.12
N ASP B 75 -1.99 4.74 -22.35
CA ASP B 75 -1.27 5.21 -23.51
C ASP B 75 -0.34 4.14 -24.10
N ASN B 76 0.36 4.47 -25.17
CA ASN B 76 1.31 3.55 -25.81
C ASN B 76 2.75 3.71 -25.35
N ARG B 77 2.97 3.97 -24.06
CA ARG B 77 4.34 3.92 -23.52
C ARG B 77 5.06 2.55 -23.65
N SER B 78 4.30 1.46 -23.53
CA SER B 78 4.86 0.10 -23.54
C SER B 78 4.20 -0.64 -24.69
N VAL B 79 5.00 -0.96 -25.71
CA VAL B 79 4.44 -1.51 -26.95
C VAL B 79 5.22 -2.71 -27.48
N LEU B 80 4.47 -3.57 -28.17
CA LEU B 80 5.00 -4.63 -29.02
C LEU B 80 4.75 -4.22 -30.48
N LYS B 81 5.79 -4.37 -31.30
CA LYS B 81 5.73 -4.03 -32.74
C LYS B 81 6.41 -5.14 -33.51
N GLY B 82 6.22 -5.15 -34.83
CA GLY B 82 7.01 -6.06 -35.68
C GLY B 82 6.37 -7.41 -35.80
N GLY B 83 7.17 -8.45 -36.06
CA GLY B 83 6.60 -9.79 -36.30
C GLY B 83 5.54 -9.74 -37.39
N PRO B 84 4.35 -10.30 -37.12
CA PRO B 84 3.28 -10.35 -38.10
C PRO B 84 2.42 -9.07 -38.14
N PHE B 85 2.78 -8.07 -37.34
CA PHE B 85 1.93 -6.89 -37.13
C PHE B 85 2.40 -5.67 -37.91
N SER B 86 1.45 -4.91 -38.42
CA SER B 86 1.74 -3.55 -38.92
C SER B 86 1.36 -2.52 -37.86
N ASP B 87 0.39 -2.89 -37.00
CA ASP B 87 -0.06 -2.09 -35.84
C ASP B 87 0.85 -2.29 -34.62
N SER B 88 0.93 -1.28 -33.76
CA SER B 88 1.51 -1.42 -32.42
C SER B 88 0.48 -1.97 -31.45
N TYR B 89 0.93 -2.86 -30.56
CA TYR B 89 0.06 -3.45 -29.54
C TYR B 89 0.52 -3.02 -28.16
N ARG B 90 -0.43 -2.70 -27.30
CA ARG B 90 -0.11 -2.05 -26.01
C ARG B 90 -0.04 -3.11 -24.90
N LEU B 91 1.10 -3.14 -24.19
CA LEU B 91 1.31 -4.08 -23.08
C LEU B 91 0.26 -3.84 -22.01
N PHE B 92 -0.34 -4.92 -21.49
CA PHE B 92 -1.25 -4.74 -20.35
C PHE B 92 -1.04 -5.68 -19.18
N GLN B 93 -0.42 -6.84 -19.42
CA GLN B 93 -0.29 -7.88 -18.39
C GLN B 93 0.82 -8.87 -18.73
N PHE B 94 1.40 -9.48 -17.70
CA PHE B 94 2.04 -10.80 -17.88
C PHE B 94 1.60 -11.73 -16.75
N HIS B 95 1.67 -13.02 -17.04
CA HIS B 95 1.32 -14.06 -16.04
C HIS B 95 1.98 -15.36 -16.48
N PHE B 96 1.80 -16.39 -15.65
CA PHE B 96 2.40 -17.68 -15.90
C PHE B 96 1.33 -18.76 -15.89
N HIS B 97 1.71 -19.88 -16.47
CA HIS B 97 0.97 -21.14 -16.29
C HIS B 97 1.96 -22.17 -15.83
N TRP B 98 1.47 -23.09 -15.00
CA TRP B 98 2.30 -24.19 -14.49
C TRP B 98 1.48 -25.44 -14.29
N GLY B 99 2.16 -26.52 -13.92
CA GLY B 99 1.52 -27.83 -13.86
C GLY B 99 1.68 -28.43 -12.48
N SER B 100 1.03 -29.56 -12.26
CA SER B 100 1.03 -30.17 -10.92
CA SER B 100 1.02 -30.22 -10.94
C SER B 100 2.39 -30.76 -10.59
N THR B 101 3.17 -31.07 -11.62
CA THR B 101 4.55 -31.55 -11.47
C THR B 101 5.45 -30.72 -12.38
N ASN B 102 6.77 -30.87 -12.22
CA ASN B 102 7.73 -30.25 -13.13
C ASN B 102 7.69 -30.77 -14.56
N GLU B 103 7.11 -31.96 -14.77
CA GLU B 103 7.16 -32.62 -16.10
C GLU B 103 6.17 -32.09 -17.13
N HIS B 104 5.23 -31.24 -16.69
CA HIS B 104 4.12 -30.87 -17.53
C HIS B 104 3.45 -29.63 -16.97
N GLY B 105 3.89 -28.47 -17.39
CA GLY B 105 3.29 -27.24 -16.90
C GLY B 105 3.03 -26.21 -17.95
N SER B 106 3.68 -26.35 -19.12
CA SER B 106 3.48 -25.34 -20.18
C SER B 106 2.12 -25.54 -20.81
N GLU B 107 1.70 -24.57 -21.62
CA GLU B 107 0.50 -24.72 -22.41
C GLU B 107 0.87 -25.14 -23.83
N HIS B 108 1.66 -24.34 -24.53
CA HIS B 108 2.17 -24.78 -25.80
C HIS B 108 3.18 -25.90 -25.60
N THR B 109 3.28 -26.75 -26.63
CA THR B 109 4.26 -27.82 -26.66
C THR B 109 4.96 -27.72 -28.00
N VAL B 110 6.15 -28.28 -28.11
CA VAL B 110 6.90 -28.24 -29.36
C VAL B 110 7.28 -29.68 -29.68
N ASP B 111 6.78 -30.17 -30.82
CA ASP B 111 6.98 -31.58 -31.22
C ASP B 111 6.58 -32.54 -30.10
N GLY B 112 5.48 -32.20 -29.43
CA GLY B 112 4.92 -33.02 -28.35
C GLY B 112 5.60 -32.92 -26.99
N VAL B 113 6.66 -32.13 -26.90
CA VAL B 113 7.40 -31.96 -25.67
C VAL B 113 6.74 -30.86 -24.83
N LYS B 114 6.37 -31.24 -23.64
CA LYS B 114 5.77 -30.33 -22.67
C LYS B 114 6.86 -29.80 -21.76
N TYR B 115 6.88 -28.48 -21.55
CA TYR B 115 7.82 -27.80 -20.66
C TYR B 115 7.23 -27.64 -19.27
N SER B 116 8.00 -27.08 -18.33
CA SER B 116 7.60 -27.01 -16.93
C SER B 116 6.60 -25.92 -16.62
N ALA B 117 6.64 -24.83 -17.39
CA ALA B 117 5.78 -23.67 -17.15
C ALA B 117 5.83 -22.85 -18.43
N GLU B 118 5.05 -21.76 -18.46
CA GLU B 118 4.99 -20.85 -19.62
C GLU B 118 4.70 -19.45 -19.13
N LEU B 119 5.42 -18.50 -19.71
CA LEU B 119 5.18 -17.09 -19.47
C LEU B 119 4.34 -16.54 -20.61
N HIS B 120 3.32 -15.76 -20.27
CA HIS B 120 2.48 -15.04 -21.24
C HIS B 120 2.59 -13.54 -21.01
N VAL B 121 2.96 -12.80 -22.05
CA VAL B 121 3.03 -11.34 -22.03
C VAL B 121 1.95 -10.88 -23.02
N ALA B 122 0.90 -10.26 -22.50
CA ALA B 122 -0.31 -9.91 -23.25
C ALA B 122 -0.41 -8.42 -23.62
N HIS B 123 -0.93 -8.16 -24.82
CA HIS B 123 -0.98 -6.82 -25.42
C HIS B 123 -2.29 -6.68 -26.15
N TRP B 124 -2.79 -5.44 -26.29
CA TRP B 124 -4.01 -5.22 -27.05
C TRP B 124 -3.80 -4.18 -28.15
N ASN B 125 -4.63 -4.29 -29.20
CA ASN B 125 -4.46 -3.46 -30.40
CA ASN B 125 -4.44 -3.46 -30.38
C ASN B 125 -4.96 -2.03 -30.17
N SER B 126 -4.04 -1.13 -29.83
CA SER B 126 -4.36 0.29 -29.57
C SER B 126 -4.36 1.21 -30.81
N ALA B 127 -4.47 0.59 -31.99
CA ALA B 127 -4.55 1.31 -33.25
C ALA B 127 -5.97 1.19 -33.82
N LYS B 128 -6.53 -0.02 -33.83
CA LYS B 128 -7.89 -0.24 -34.31
C LYS B 128 -8.92 -0.01 -33.22
N TYR B 129 -8.48 -0.20 -31.98
CA TYR B 129 -9.37 -0.13 -30.84
C TYR B 129 -8.82 0.89 -29.83
N SER B 130 -9.69 1.32 -28.93
CA SER B 130 -9.32 2.36 -27.94
CA SER B 130 -9.35 2.37 -27.95
C SER B 130 -9.24 1.82 -26.52
N SER B 131 -9.73 0.58 -26.32
CA SER B 131 -9.64 -0.09 -25.02
C SER B 131 -9.40 -1.61 -25.11
N LEU B 132 -8.90 -2.17 -24.01
CA LEU B 132 -8.81 -3.62 -23.85
C LEU B 132 -10.16 -4.31 -23.98
N ALA B 133 -11.20 -3.76 -23.32
CA ALA B 133 -12.55 -4.30 -23.37
C ALA B 133 -13.06 -4.43 -24.82
N GLU B 134 -12.77 -3.42 -25.64
CA GLU B 134 -13.16 -3.41 -27.04
C GLU B 134 -12.40 -4.53 -27.80
N ALA B 135 -11.09 -4.51 -27.66
CA ALA B 135 -10.14 -5.37 -28.37
C ALA B 135 -10.31 -6.87 -28.08
N ALA B 136 -10.80 -7.21 -26.88
CA ALA B 136 -10.79 -8.59 -26.35
C ALA B 136 -11.50 -9.66 -27.18
N SER B 137 -12.55 -9.28 -27.91
CA SER B 137 -13.34 -10.28 -28.67
C SER B 137 -13.12 -10.18 -30.20
N LYS B 138 -12.18 -9.34 -30.60
CA LYS B 138 -11.87 -9.06 -32.01
C LYS B 138 -10.75 -9.96 -32.52
N ALA B 139 -10.90 -10.55 -33.70
CA ALA B 139 -9.86 -11.48 -34.24
C ALA B 139 -8.44 -10.90 -34.19
N ASP B 140 -8.33 -9.59 -34.39
CA ASP B 140 -7.04 -8.89 -34.37
C ASP B 140 -6.83 -8.04 -33.10
N GLY B 141 -7.54 -8.38 -32.04
CA GLY B 141 -7.54 -7.55 -30.82
C GLY B 141 -6.34 -7.71 -29.90
N LEU B 142 -5.87 -8.94 -29.77
CA LEU B 142 -4.83 -9.26 -28.79
C LEU B 142 -3.59 -9.89 -29.39
N ALA B 143 -2.47 -9.63 -28.76
CA ALA B 143 -1.20 -10.29 -29.11
C ALA B 143 -0.57 -10.82 -27.84
N VAL B 144 -0.25 -12.12 -27.79
CA VAL B 144 0.41 -12.63 -26.59
C VAL B 144 1.72 -13.32 -26.95
N ILE B 145 2.81 -12.95 -26.27
CA ILE B 145 4.10 -13.62 -26.39
C ILE B 145 4.13 -14.74 -25.37
N GLY B 146 4.44 -15.95 -25.84
CA GLY B 146 4.60 -17.12 -24.97
C GLY B 146 6.06 -17.54 -24.95
N VAL B 147 6.53 -17.82 -23.74
CA VAL B 147 7.90 -18.28 -23.52
C VAL B 147 7.85 -19.52 -22.66
N LEU B 148 8.39 -20.60 -23.24
CA LEU B 148 8.45 -21.89 -22.58
C LEU B 148 9.49 -21.83 -21.47
N MET B 149 9.17 -22.43 -20.31
CA MET B 149 10.07 -22.43 -19.16
C MET B 149 10.50 -23.86 -18.81
N LYS B 150 11.82 -24.07 -18.81
CA LYS B 150 12.41 -25.38 -18.66
C LYS B 150 13.02 -25.50 -17.27
N VAL B 151 12.57 -26.47 -16.50
CA VAL B 151 13.07 -26.68 -15.14
C VAL B 151 14.59 -26.92 -15.17
N GLY B 152 15.30 -26.20 -14.31
CA GLY B 152 16.77 -26.33 -14.20
C GLY B 152 17.28 -25.35 -13.18
N GLU B 153 18.24 -24.52 -13.56
CA GLU B 153 18.79 -23.53 -12.64
C GLU B 153 17.73 -22.47 -12.29
N ALA B 154 17.79 -21.96 -11.06
CA ALA B 154 16.95 -20.81 -10.66
C ALA B 154 17.12 -19.63 -11.60
N ASN B 155 16.00 -19.00 -11.94
CA ASN B 155 16.04 -17.86 -12.82
C ASN B 155 15.97 -16.59 -12.00
N PRO B 156 17.07 -15.83 -11.92
CA PRO B 156 17.07 -14.64 -11.02
C PRO B 156 16.20 -13.49 -11.51
N LYS B 157 15.85 -13.49 -12.79
CA LYS B 157 14.97 -12.47 -13.34
C LYS B 157 13.56 -12.56 -12.77
N LEU B 158 13.19 -13.75 -12.28
CA LEU B 158 11.91 -14.00 -11.60
C LEU B 158 11.80 -13.46 -10.19
N GLN B 159 12.95 -13.06 -9.61
CA GLN B 159 13.06 -12.61 -8.21
C GLN B 159 11.99 -11.63 -7.73
N LYS B 160 11.86 -10.50 -8.42
CA LYS B 160 10.89 -9.49 -7.97
C LYS B 160 9.47 -10.06 -7.98
N VAL B 161 9.12 -10.81 -9.03
CA VAL B 161 7.79 -11.43 -9.09
C VAL B 161 7.56 -12.40 -7.91
N LEU B 162 8.50 -13.33 -7.72
CA LEU B 162 8.37 -14.30 -6.65
C LEU B 162 8.30 -13.69 -5.24
N ASP B 163 9.09 -12.64 -5.00
CA ASP B 163 9.12 -11.92 -3.71
C ASP B 163 7.80 -11.21 -3.44
N ALA B 164 7.10 -10.83 -4.50
CA ALA B 164 5.82 -10.12 -4.37
C ALA B 164 4.67 -11.04 -3.93
N LEU B 165 4.85 -12.36 -4.13
CA LEU B 165 3.75 -13.30 -3.95
C LEU B 165 3.23 -13.39 -2.50
N GLN B 166 4.12 -13.20 -1.52
CA GLN B 166 3.70 -13.26 -0.10
C GLN B 166 2.62 -12.24 0.28
N ALA B 167 2.50 -11.18 -0.50
CA ALA B 167 1.51 -10.13 -0.25
C ALA B 167 0.17 -10.40 -0.95
N ILE B 168 0.11 -11.44 -1.78
CA ILE B 168 -1.09 -11.76 -2.53
C ILE B 168 -1.46 -13.23 -2.41
N LYS B 169 -1.41 -13.79 -1.19
CA LYS B 169 -1.51 -15.23 -1.06
C LYS B 169 -2.85 -15.80 -1.41
N THR B 170 -3.93 -15.06 -1.14
CA THR B 170 -5.26 -15.58 -1.34
C THR B 170 -6.04 -14.82 -2.42
N LYS B 171 -7.05 -15.48 -2.95
CA LYS B 171 -7.89 -14.94 -4.02
C LYS B 171 -8.41 -13.54 -3.75
N GLY B 172 -8.15 -12.64 -4.68
CA GLY B 172 -8.63 -11.26 -4.58
C GLY B 172 -7.64 -10.30 -3.99
N LYS B 173 -6.60 -10.80 -3.29
CA LYS B 173 -5.56 -9.91 -2.79
C LYS B 173 -4.75 -9.30 -3.93
N ARG B 174 -4.32 -8.06 -3.71
CA ARG B 174 -3.60 -7.28 -4.71
C ARG B 174 -2.61 -6.36 -4.02
N ALA B 175 -1.55 -5.99 -4.73
CA ALA B 175 -0.54 -5.10 -4.18
C ALA B 175 0.08 -4.30 -5.29
N PRO B 176 0.62 -3.10 -4.99
CA PRO B 176 1.37 -2.34 -5.98
C PRO B 176 2.57 -3.16 -6.46
N PHE B 177 2.86 -3.06 -7.76
CA PHE B 177 4.02 -3.73 -8.36
C PHE B 177 4.52 -2.77 -9.41
N THR B 178 5.62 -2.08 -9.12
CA THR B 178 6.00 -0.90 -9.92
C THR B 178 7.42 -1.03 -10.42
N ASN B 179 7.74 -0.19 -11.42
CA ASN B 179 9.10 -0.08 -11.95
C ASN B 179 9.63 -1.47 -12.39
N PHE B 180 8.97 -2.06 -13.38
CA PHE B 180 9.39 -3.38 -13.88
C PHE B 180 9.20 -3.47 -15.37
N ASP B 181 10.27 -3.87 -16.05
CA ASP B 181 10.25 -4.08 -17.50
C ASP B 181 10.20 -5.60 -17.76
N PRO B 182 9.03 -6.14 -18.18
CA PRO B 182 8.93 -7.59 -18.34
C PRO B 182 9.71 -8.16 -19.54
N SER B 183 10.20 -7.31 -20.45
CA SER B 183 11.11 -7.81 -21.50
C SER B 183 12.39 -8.41 -20.91
N THR B 184 12.71 -8.09 -19.65
CA THR B 184 13.81 -8.74 -18.93
C THR B 184 13.63 -10.26 -18.74
N LEU B 185 12.38 -10.71 -18.86
CA LEU B 185 12.05 -12.13 -18.69
C LEU B 185 12.16 -12.90 -19.99
N LEU B 186 12.30 -12.20 -21.12
CA LEU B 186 12.39 -12.86 -22.43
C LEU B 186 13.74 -13.51 -22.66
N PRO B 187 13.80 -14.54 -23.54
CA PRO B 187 15.07 -15.14 -23.88
C PRO B 187 15.91 -14.15 -24.71
N SER B 188 17.21 -14.40 -24.81
CA SER B 188 18.16 -13.52 -25.49
C SER B 188 17.81 -13.34 -26.97
N SER B 189 17.48 -14.46 -27.64
CA SER B 189 17.02 -14.45 -29.01
C SER B 189 15.51 -14.42 -29.07
N LEU B 190 14.97 -13.66 -30.02
CA LEU B 190 13.53 -13.57 -30.20
C LEU B 190 13.02 -14.18 -31.50
N ASP B 191 13.71 -15.21 -32.02
CA ASP B 191 13.14 -16.07 -33.08
C ASP B 191 11.82 -16.62 -32.56
N PHE B 192 10.82 -16.72 -33.42
CA PHE B 192 9.49 -17.08 -32.99
C PHE B 192 8.67 -17.83 -34.03
N TRP B 193 7.64 -18.49 -33.52
CA TRP B 193 6.51 -19.00 -34.30
C TRP B 193 5.30 -18.14 -34.04
N THR B 194 4.43 -18.07 -35.03
CA THR B 194 3.17 -17.37 -34.86
C THR B 194 2.00 -18.10 -35.50
N TYR B 195 0.85 -18.02 -34.84
CA TYR B 195 -0.37 -18.64 -35.37
C TYR B 195 -1.55 -17.88 -34.78
N PRO B 196 -2.71 -17.92 -35.46
CA PRO B 196 -3.91 -17.29 -34.96
C PRO B 196 -4.62 -18.19 -33.95
N GLY B 197 -4.90 -17.66 -32.76
CA GLY B 197 -5.51 -18.48 -31.75
C GLY B 197 -6.42 -17.75 -30.79
N SER B 198 -6.40 -18.23 -29.54
CA SER B 198 -7.42 -17.83 -28.58
C SER B 198 -6.80 -17.55 -27.21
N LEU B 199 -7.62 -16.96 -26.35
CA LEU B 199 -7.33 -17.00 -24.91
C LEU B 199 -7.31 -18.46 -24.50
N THR B 200 -6.41 -18.84 -23.60
CA THR B 200 -6.31 -20.26 -23.22
C THR B 200 -7.18 -20.64 -22.03
N HIS B 201 -7.93 -19.68 -21.50
CA HIS B 201 -8.94 -19.99 -20.51
C HIS B 201 -10.19 -19.15 -20.77
N PRO B 202 -11.33 -19.48 -20.12
CA PRO B 202 -12.56 -18.68 -20.34
C PRO B 202 -12.28 -17.17 -20.17
N PRO B 203 -12.78 -16.33 -21.08
CA PRO B 203 -13.85 -16.64 -22.03
C PRO B 203 -13.42 -17.25 -23.38
N LEU B 204 -12.16 -17.64 -23.52
CA LEU B 204 -11.69 -18.42 -24.70
C LEU B 204 -11.86 -17.72 -26.08
N TYR B 205 -11.94 -16.39 -26.03
CA TYR B 205 -12.12 -15.58 -27.24
C TYR B 205 -11.06 -15.88 -28.28
N GLU B 206 -11.45 -16.04 -29.54
CA GLU B 206 -10.47 -16.33 -30.59
C GLU B 206 -9.93 -15.02 -31.17
N SER B 207 -9.20 -14.30 -30.32
CA SER B 207 -8.78 -12.91 -30.54
C SER B 207 -7.28 -12.71 -30.45
N VAL B 208 -6.53 -13.81 -30.36
CA VAL B 208 -5.10 -13.72 -30.04
C VAL B 208 -4.20 -14.14 -31.21
N THR B 209 -3.28 -13.26 -31.57
CA THR B 209 -2.16 -13.62 -32.42
C THR B 209 -1.07 -14.04 -31.46
N TRP B 210 -0.73 -15.34 -31.48
CA TRP B 210 0.32 -15.89 -30.62
C TRP B 210 1.70 -15.68 -31.22
N ILE B 211 2.65 -15.26 -30.36
CA ILE B 211 4.06 -15.17 -30.69
C ILE B 211 4.76 -16.13 -29.73
N ILE B 212 5.19 -17.29 -30.22
CA ILE B 212 5.83 -18.31 -29.33
C ILE B 212 7.34 -18.26 -29.57
N CYS B 213 8.11 -17.94 -28.54
CA CYS B 213 9.57 -17.86 -28.70
C CYS B 213 10.15 -19.26 -28.93
N LYS B 214 11.07 -19.37 -29.89
CA LYS B 214 11.78 -20.61 -30.12
C LYS B 214 12.63 -21.00 -28.90
N GLU B 215 13.21 -20.01 -28.24
CA GLU B 215 14.11 -20.26 -27.12
C GLU B 215 13.38 -20.23 -25.80
N SER B 216 13.77 -21.14 -24.92
CA SER B 216 13.13 -21.24 -23.60
C SER B 216 13.89 -20.41 -22.57
N ILE B 217 13.30 -20.23 -21.38
CA ILE B 217 14.02 -19.65 -20.25
C ILE B 217 14.00 -20.66 -19.11
N SER B 218 14.88 -20.49 -18.13
CA SER B 218 14.97 -21.41 -17.00
CA SER B 218 14.95 -21.43 -17.01
C SER B 218 14.00 -21.08 -15.87
N VAL B 219 13.78 -22.05 -14.98
CA VAL B 219 13.06 -21.86 -13.72
C VAL B 219 13.50 -23.03 -12.84
N SER B 220 13.63 -22.82 -11.53
CA SER B 220 14.01 -23.93 -10.69
C SER B 220 12.79 -24.64 -10.12
N SER B 221 13.01 -25.87 -9.64
CA SER B 221 11.96 -26.63 -8.97
C SER B 221 11.35 -25.85 -7.79
N GLU B 222 12.19 -25.10 -7.05
CA GLU B 222 11.69 -24.37 -5.86
C GLU B 222 10.93 -23.11 -6.29
N GLN B 223 11.31 -22.52 -7.43
CA GLN B 223 10.57 -21.36 -7.92
C GLN B 223 9.19 -21.78 -8.39
N LEU B 224 9.09 -22.95 -9.02
CA LEU B 224 7.76 -23.48 -9.38
C LEU B 224 6.91 -23.80 -8.16
N ALA B 225 7.55 -24.35 -7.12
CA ALA B 225 6.85 -24.59 -5.86
C ALA B 225 6.27 -23.28 -5.28
N GLN B 226 6.96 -22.16 -5.46
CA GLN B 226 6.43 -20.88 -5.02
C GLN B 226 5.12 -20.52 -5.74
N PHE B 227 5.08 -20.69 -7.06
CA PHE B 227 3.80 -20.54 -7.80
C PHE B 227 2.71 -21.41 -7.18
N ARG B 228 3.03 -22.68 -6.93
CA ARG B 228 2.02 -23.64 -6.43
C ARG B 228 1.64 -23.39 -4.99
N SER B 229 2.40 -22.52 -4.30
CA SER B 229 2.08 -22.17 -2.91
CA SER B 229 2.11 -22.14 -2.91
C SER B 229 1.05 -21.04 -2.82
N LEU B 230 0.72 -20.43 -3.97
CA LEU B 230 -0.36 -19.47 -3.99
C LEU B 230 -1.66 -20.18 -3.72
N LEU B 231 -2.61 -19.47 -3.12
CA LEU B 231 -3.85 -20.10 -2.70
C LEU B 231 -5.02 -19.61 -3.55
N SER B 232 -5.86 -20.57 -3.95
CA SER B 232 -7.04 -20.31 -4.78
C SER B 232 -8.27 -19.86 -3.98
N ASN B 233 -8.25 -20.12 -2.68
CA ASN B 233 -9.37 -19.72 -1.79
C ASN B 233 -9.24 -18.27 -1.35
N VAL B 234 -10.34 -17.71 -0.85
CA VAL B 234 -10.30 -16.41 -0.21
C VAL B 234 -9.77 -16.55 1.22
N GLU B 235 -9.24 -15.45 1.73
CA GLU B 235 -8.69 -15.36 3.08
C GLU B 235 -9.69 -15.88 4.11
N GLY B 236 -9.17 -16.71 5.00
CA GLY B 236 -9.96 -17.25 6.12
C GLY B 236 -10.47 -18.64 5.85
N ASP B 237 -10.75 -18.96 4.58
CA ASP B 237 -11.15 -20.32 4.20
C ASP B 237 -9.94 -21.26 4.26
N ASN B 238 -10.21 -22.57 4.26
CA ASN B 238 -9.13 -23.55 4.29
C ASN B 238 -8.28 -23.38 3.04
N ALA B 239 -6.96 -23.40 3.24
CA ALA B 239 -5.99 -23.15 2.17
C ALA B 239 -6.03 -24.20 1.07
N VAL B 240 -6.14 -23.76 -0.18
CA VAL B 240 -6.18 -24.67 -1.31
C VAL B 240 -5.11 -24.18 -2.30
N PRO B 241 -3.96 -24.88 -2.35
CA PRO B 241 -2.87 -24.49 -3.25
C PRO B 241 -3.30 -24.46 -4.70
N MET B 242 -2.78 -23.50 -5.43
CA MET B 242 -2.94 -23.40 -6.87
C MET B 242 -2.03 -24.39 -7.57
N GLN B 243 -2.48 -25.63 -7.71
CA GLN B 243 -1.58 -26.69 -8.16
C GLN B 243 -1.22 -26.67 -9.64
N HIS B 244 -2.15 -26.19 -10.47
CA HIS B 244 -1.95 -26.20 -11.93
C HIS B 244 -2.97 -25.31 -12.62
N ASN B 245 -2.63 -24.84 -13.81
CA ASN B 245 -3.53 -23.95 -14.54
C ASN B 245 -3.20 -23.93 -16.04
N ASN B 246 -2.74 -25.07 -16.55
CA ASN B 246 -2.46 -25.20 -17.99
CA ASN B 246 -2.45 -25.22 -17.98
C ASN B 246 -3.54 -25.98 -18.74
N ARG B 247 -3.96 -25.41 -19.86
CA ARG B 247 -4.93 -26.07 -20.71
C ARG B 247 -4.22 -27.07 -21.65
N PRO B 248 -4.81 -28.27 -21.91
CA PRO B 248 -4.26 -29.17 -22.95
C PRO B 248 -4.21 -28.51 -24.32
N THR B 249 -3.29 -28.97 -25.17
CA THR B 249 -3.23 -28.47 -26.54
C THR B 249 -4.49 -28.85 -27.32
N GLN B 250 -4.88 -27.97 -28.24
CA GLN B 250 -6.12 -28.05 -29.01
C GLN B 250 -5.80 -28.28 -30.48
N PRO B 251 -6.73 -28.91 -31.24
CA PRO B 251 -6.48 -29.20 -32.65
C PRO B 251 -6.23 -27.96 -33.49
N LEU B 252 -5.23 -28.03 -34.37
CA LEU B 252 -4.93 -26.94 -35.29
C LEU B 252 -6.06 -26.61 -36.26
N LYS B 253 -6.86 -27.62 -36.64
CA LYS B 253 -8.03 -27.45 -37.53
C LYS B 253 -7.67 -26.70 -38.80
N GLY B 254 -6.56 -27.10 -39.41
CA GLY B 254 -6.10 -26.51 -40.68
C GLY B 254 -5.33 -25.19 -40.61
N ARG B 255 -5.10 -24.66 -39.40
CA ARG B 255 -4.25 -23.47 -39.24
C ARG B 255 -2.79 -23.77 -39.56
N THR B 256 -2.07 -22.72 -39.94
CA THR B 256 -0.64 -22.81 -40.21
C THR B 256 0.16 -22.09 -39.13
N VAL B 257 1.13 -22.79 -38.57
CA VAL B 257 2.13 -22.15 -37.69
C VAL B 257 3.28 -21.65 -38.54
N ARG B 258 3.46 -20.33 -38.55
CA ARG B 258 4.54 -19.73 -39.33
C ARG B 258 5.77 -19.54 -38.48
N ALA B 259 6.95 -19.63 -39.09
CA ALA B 259 8.22 -19.42 -38.41
C ALA B 259 8.92 -18.19 -38.94
N SER B 260 9.53 -17.44 -38.02
CA SER B 260 10.32 -16.27 -38.37
C SER B 260 11.73 -16.64 -38.83
N PHE B 261 12.11 -17.89 -38.61
CA PHE B 261 13.48 -18.34 -38.74
C PHE B 261 13.55 -19.64 -39.53
ZN ZN C . -3.28 15.19 21.87
C1 CJK D . -15.62 22.85 21.33
C3 CJK D . -13.60 21.44 20.77
C5 CJK D . -11.54 22.40 19.96
C6 CJK D . -12.11 23.67 20.11
C7 CJK D . -13.42 23.80 20.56
C8 CJK D . -10.15 22.24 19.40
C10 CJK D . -8.74 21.50 21.25
N12 CJK D . -8.03 20.44 21.77
C13 CJK D . -8.04 19.07 21.38
C14 CJK D . -6.86 18.48 20.91
C15 CJK D . -6.88 17.13 20.58
C16 CJK D . -8.02 16.37 20.71
C17 CJK D . -9.20 16.96 21.16
C18 CJK D . -9.22 18.32 21.50
O21 CJK D . -4.35 17.34 20.01
C2 CJK D . -14.18 22.69 20.89
C4 CJK D . -12.30 21.29 20.31
N9 CJK D . -9.38 21.22 20.09
O11 CJK D . -8.76 22.60 21.79
O19 CJK D . -10.36 18.91 21.97
S20 CJK D . -5.39 16.37 19.97
O22 CJK D . -5.72 15.76 18.71
N23 CJK D . -5.00 15.18 21.00
C ACT E . -19.73 21.08 14.43
O ACT E . -19.13 21.85 15.22
OXT ACT E . -19.67 19.83 14.54
CH3 ACT E . -20.53 21.67 13.30
C ACT F . -0.40 2.03 21.64
O ACT F . -0.81 1.18 22.49
OXT ACT F . -0.93 2.10 20.51
CH3 ACT F . 0.74 2.95 21.97
C1 GOL G . -12.12 23.65 4.26
O1 GOL G . -11.46 24.91 4.48
C2 GOL G . -13.62 23.74 4.50
O2 GOL G . -13.91 24.72 5.51
C3 GOL G . -14.19 22.36 4.89
O3 GOL G . -14.13 22.12 6.31
ZN ZN H . -1.94 -17.27 -20.19
C1 CJK I . -13.72 -9.39 -19.19
C3 CJK I . -12.17 -10.92 -20.48
C5 CJK I . -10.21 -10.10 -21.63
C6 CJK I . -10.53 -8.82 -21.19
C7 CJK I . -11.65 -8.59 -20.41
C8 CJK I . -8.99 -10.36 -22.47
C10 CJK I . -7.33 -10.89 -20.76
N12 CJK I . -6.58 -11.91 -20.19
C13 CJK I . -6.60 -13.30 -20.49
C14 CJK I . -5.47 -13.95 -20.99
C15 CJK I . -5.55 -15.30 -21.33
C16 CJK I . -6.72 -16.01 -21.13
C17 CJK I . -7.84 -15.37 -20.61
C18 CJK I . -7.79 -14.02 -20.30
O21 CJK I . -3.05 -15.17 -22.05
C2 CJK I . -12.50 -9.64 -20.04
C4 CJK I . -11.05 -11.14 -21.26
N9 CJK I . -8.04 -11.26 -21.85
O11 CJK I . -7.34 -9.75 -20.32
O19 CJK I . -8.80 -13.43 -19.58
S20 CJK I . -4.14 -16.11 -22.02
O22 CJK I . -4.55 -16.70 -23.26
N23 CJK I . -3.72 -17.30 -21.03
C1 GOL J . -7.27 -10.48 -16.67
O1 GOL J . -8.02 -11.56 -17.21
C2 GOL J . -7.55 -9.13 -17.34
O2 GOL J . -8.97 -9.03 -17.59
C3 GOL J . -7.10 -7.98 -16.44
O3 GOL J . -7.04 -6.73 -17.15
C1 GOL K . 12.18 -25.75 -29.66
O1 GOL K . 12.95 -24.58 -30.00
C2 GOL K . 12.40 -26.07 -28.19
O2 GOL K . 11.78 -27.33 -27.89
C3 GOL K . 11.80 -24.99 -27.31
O3 GOL K . 12.81 -24.51 -26.42
#